data_5U1Y
#
_entry.id   5U1Y
#
_cell.length_a   169.704
_cell.length_b   169.704
_cell.length_c   169.704
_cell.angle_alpha   90.000
_cell.angle_beta   90.000
_cell.angle_gamma   90.000
#
_symmetry.space_group_name_H-M   'I 21 3'
#
loop_
_entity.id
_entity.type
_entity.pdbx_description
1 polymer 'P2X purinoceptor'
2 non-polymer 2-acetamido-2-deoxy-beta-D-glucopyranose
3 non-polymer N~2~-(3,4-difluorophenyl)-N-{2-methyl-5-[(piperazin-1-yl)methyl]phenyl}glycinamide
#
_entity_poly.entity_id   1
_entity_poly.type   'polypeptide(L)'
_entity_poly.pdbx_seq_one_letter_code
;GSSTNYGTIKWIFHALVFSYISFALISDKRYQKKEPLISSVHTKVKGIAEVKAEILENGMKKMVSGVFDTADYTFPLQGN
SFFVMTNFIKTEGQQQGLCPDFPTARTICSSDRGCKKGRMDPQSKGIQTGRCVVYKERLKTCEVSAWCPIEEVKDAPRPA
LLNSAENFTVLIKNNIDFPGHNYTTRNILPGVNITCTFHKTQNPQCPIFRLGDIFQETGDSFSDVAIQGGIMGIEIYWDC
NLDGWFHHCRPKYSFRRLDDKTTSESLYPGYNFRYAKYYKENNVEKRTLIKVFGIRFDILVFGTGGKFNVIQLAVYIGSV
ISYFGLATVFIDILINTYSASS
;
_entity_poly.pdbx_strand_id   A
#
loop_
_chem_comp.id
_chem_comp.type
_chem_comp.name
_chem_comp.formula
7RS non-polymer N~2~-(3,4-difluorophenyl)-N-{2-methyl-5-[(piperazin-1-yl)methyl]phenyl}glycinamide 'C20 H24 F2 N4 O'
NAG D-saccharide, beta linking 2-acetamido-2-deoxy-beta-D-glucopyranose 'C8 H15 N O6'
#
# COMPACT_ATOMS: atom_id res chain seq x y z
N HIS A 14 31.28 -26.01 35.47
CA HIS A 14 30.02 -26.19 36.17
C HIS A 14 29.42 -24.84 36.58
N ALA A 15 30.23 -24.00 37.23
CA ALA A 15 29.77 -22.67 37.62
C ALA A 15 29.55 -21.79 36.40
N LEU A 16 30.41 -21.92 35.38
CA LEU A 16 30.18 -21.19 34.14
C LEU A 16 28.90 -21.65 33.46
N VAL A 17 28.52 -22.91 33.65
CA VAL A 17 27.22 -23.38 33.20
C VAL A 17 26.12 -22.69 33.97
N PHE A 18 26.34 -22.37 35.26
CA PHE A 18 25.36 -21.62 36.03
C PHE A 18 25.23 -20.20 35.49
N SER A 19 26.35 -19.53 35.25
CA SER A 19 26.29 -18.16 34.75
C SER A 19 25.75 -18.09 33.33
N TYR A 20 25.94 -19.16 32.54
CA TYR A 20 25.41 -19.18 31.19
C TYR A 20 23.92 -19.52 31.16
N ILE A 21 23.46 -20.34 32.11
CA ILE A 21 22.03 -20.58 32.24
C ILE A 21 21.32 -19.33 32.75
N SER A 22 21.81 -18.77 33.86
CA SER A 22 21.19 -17.57 34.42
C SER A 22 21.25 -16.42 33.41
N PHE A 23 22.37 -16.31 32.69
CA PHE A 23 22.47 -15.30 31.65
C PHE A 23 21.47 -15.57 30.53
N ALA A 24 21.37 -16.82 30.09
CA ALA A 24 20.42 -17.13 29.02
C ALA A 24 19.00 -16.79 29.43
N LEU A 25 18.68 -16.99 30.71
CA LEU A 25 17.41 -16.53 31.27
C LEU A 25 17.26 -15.02 31.14
N ILE A 26 18.20 -14.26 31.71
CA ILE A 26 18.06 -12.81 31.74
C ILE A 26 18.05 -12.24 30.33
N SER A 27 18.80 -12.86 29.43
CA SER A 27 18.94 -12.32 28.09
C SER A 27 17.71 -12.63 27.24
N ASP A 28 17.18 -13.84 27.36
CA ASP A 28 15.95 -14.22 26.69
C ASP A 28 14.73 -13.84 27.51
N LYS A 29 14.93 -13.21 28.67
CA LYS A 29 13.86 -12.72 29.54
C LYS A 29 12.84 -13.80 29.88
N ARG A 30 13.25 -15.07 29.80
CA ARG A 30 12.31 -16.18 30.03
C ARG A 30 11.65 -16.11 31.39
N TYR A 31 12.16 -15.31 32.32
CA TYR A 31 11.41 -15.04 33.55
C TYR A 31 10.11 -14.32 33.24
N GLN A 32 10.04 -13.63 32.11
CA GLN A 32 8.89 -12.83 31.74
C GLN A 32 7.89 -13.62 30.90
N LYS A 33 6.65 -13.15 30.92
CA LYS A 33 5.59 -13.66 30.07
C LYS A 33 5.27 -12.61 29.02
N LYS A 34 5.17 -13.05 27.76
CA LYS A 34 4.99 -12.19 26.61
C LYS A 34 3.57 -12.33 26.08
N GLU A 35 3.00 -11.21 25.65
CA GLU A 35 1.63 -11.15 25.18
C GLU A 35 1.55 -10.37 23.87
N PRO A 36 0.74 -10.81 22.92
CA PRO A 36 0.69 -10.14 21.61
C PRO A 36 -0.04 -8.81 21.68
N LEU A 37 0.47 -7.86 20.90
CA LEU A 37 0.03 -6.48 20.93
C LEU A 37 -1.28 -6.27 20.17
N ILE A 38 -2.04 -5.27 20.60
CA ILE A 38 -3.25 -4.83 19.92
C ILE A 38 -3.02 -3.46 19.33
N SER A 39 -3.29 -3.30 18.03
CA SER A 39 -2.99 -2.05 17.34
C SER A 39 -4.25 -1.44 16.74
N SER A 40 -4.38 -0.12 16.88
CA SER A 40 -5.35 0.70 16.19
C SER A 40 -4.59 1.85 15.52
N VAL A 41 -4.97 2.15 14.28
CA VAL A 41 -4.24 3.08 13.45
C VAL A 41 -5.18 4.18 12.98
N HIS A 42 -4.72 5.43 13.07
CA HIS A 42 -5.44 6.59 12.57
C HIS A 42 -4.46 7.51 11.87
N THR A 43 -4.74 7.87 10.61
CA THR A 43 -3.79 8.62 9.80
C THR A 43 -4.44 9.87 9.24
N LYS A 44 -3.62 10.91 9.09
CA LYS A 44 -4.04 12.19 8.51
C LYS A 44 -2.97 12.63 7.51
N VAL A 45 -3.36 12.80 6.25
CA VAL A 45 -2.44 13.16 5.17
C VAL A 45 -2.62 14.64 4.85
N LYS A 46 -1.49 15.32 4.59
CA LYS A 46 -1.46 16.73 4.29
C LYS A 46 -0.57 16.97 3.08
N GLY A 47 -0.83 18.09 2.40
CA GLY A 47 -0.11 18.44 1.19
C GLY A 47 -1.07 18.59 0.03
N ILE A 48 -0.74 19.48 -0.91
CA ILE A 48 -1.52 19.67 -2.12
C ILE A 48 -0.56 19.70 -3.31
N ALA A 49 -1.08 19.36 -4.48
CA ALA A 49 -0.25 19.23 -5.66
C ALA A 49 -0.85 20.04 -6.81
N GLU A 50 -0.02 20.88 -7.41
CA GLU A 50 -0.39 21.61 -8.61
C GLU A 50 -0.01 20.78 -9.83
N VAL A 51 -0.99 20.50 -10.69
CA VAL A 51 -0.82 19.59 -11.81
C VAL A 51 -1.04 20.37 -13.09
N LYS A 52 0.04 20.53 -13.87
CA LYS A 52 -0.03 21.02 -15.24
C LYS A 52 0.73 20.03 -16.11
N ALA A 53 0.05 19.45 -17.09
CA ALA A 53 0.67 18.45 -17.94
C ALA A 53 -0.09 18.37 -19.26
N GLU A 54 0.59 17.89 -20.28
CA GLU A 54 0.00 17.69 -21.60
C GLU A 54 -0.12 16.19 -21.85
N ILE A 55 -1.36 15.72 -22.03
CA ILE A 55 -1.66 14.32 -22.22
C ILE A 55 -2.28 14.13 -23.59
N LEU A 56 -1.85 13.10 -24.31
CA LEU A 56 -2.43 12.76 -25.60
C LEU A 56 -3.61 11.83 -25.37
N GLU A 57 -4.81 12.30 -25.70
CA GLU A 57 -6.04 11.53 -25.53
C GLU A 57 -6.67 11.34 -26.90
N ASN A 58 -6.90 10.07 -27.27
CA ASN A 58 -7.53 9.72 -28.54
C ASN A 58 -6.79 10.34 -29.73
N GLY A 59 -5.46 10.39 -29.61
CA GLY A 59 -4.65 10.94 -30.67
C GLY A 59 -4.68 12.45 -30.79
N MET A 60 -5.19 13.15 -29.78
CA MET A 60 -5.26 14.60 -29.79
C MET A 60 -4.67 15.14 -28.49
N LYS A 61 -3.89 16.21 -28.60
CA LYS A 61 -3.25 16.77 -27.42
C LYS A 61 -4.25 17.51 -26.55
N LYS A 62 -4.14 17.33 -25.25
CA LYS A 62 -5.03 17.93 -24.28
C LYS A 62 -4.23 18.39 -23.06
N MET A 63 -4.78 19.36 -22.34
CA MET A 63 -4.09 19.99 -21.23
C MET A 63 -4.82 19.67 -19.92
N VAL A 64 -4.10 19.05 -18.99
CA VAL A 64 -4.60 18.79 -17.64
C VAL A 64 -3.99 19.82 -16.70
N SER A 65 -4.85 20.66 -16.11
CA SER A 65 -4.42 21.70 -15.20
C SER A 65 -5.34 21.71 -13.99
N GLY A 66 -4.80 22.00 -12.82
CA GLY A 66 -5.61 22.15 -11.63
C GLY A 66 -4.83 21.88 -10.38
N VAL A 67 -5.46 22.22 -9.25
CA VAL A 67 -4.90 22.00 -7.92
C VAL A 67 -5.64 20.84 -7.27
N PHE A 68 -4.88 19.91 -6.70
CA PHE A 68 -5.43 18.74 -6.02
C PHE A 68 -5.15 18.87 -4.52
N ASP A 69 -6.22 18.79 -3.72
CA ASP A 69 -6.18 18.75 -2.28
C ASP A 69 -6.57 17.37 -1.78
N THR A 70 -6.76 17.25 -0.47
CA THR A 70 -7.00 15.95 0.17
C THR A 70 -8.15 15.20 -0.47
N ALA A 71 -9.29 15.86 -0.63
CA ALA A 71 -10.47 15.18 -1.18
C ALA A 71 -10.26 14.74 -2.63
N ASP A 72 -9.32 15.35 -3.35
CA ASP A 72 -9.13 15.03 -4.76
C ASP A 72 -8.26 13.81 -4.98
N TYR A 73 -7.36 13.48 -4.06
CA TYR A 73 -6.39 12.43 -4.31
C TYR A 73 -6.33 11.33 -3.24
N THR A 74 -7.08 11.45 -2.14
CA THR A 74 -7.03 10.41 -1.11
C THR A 74 -8.36 10.37 -0.37
N PHE A 75 -8.55 9.28 0.36
CA PHE A 75 -9.74 8.97 1.15
C PHE A 75 -9.28 8.41 2.50
N PRO A 76 -10.15 8.28 3.50
CA PRO A 76 -9.67 7.87 4.82
C PRO A 76 -9.20 6.43 4.87
N LEU A 77 -8.31 6.17 5.82
CA LEU A 77 -7.73 4.83 5.99
C LEU A 77 -8.81 3.81 6.32
N GLN A 78 -8.73 2.65 5.67
CA GLN A 78 -9.63 1.53 5.93
C GLN A 78 -8.80 0.27 6.08
N GLY A 79 -8.93 -0.38 7.23
CA GLY A 79 -8.21 -1.63 7.47
C GLY A 79 -6.72 -1.46 7.66
N ASN A 80 -6.30 -0.39 8.32
CA ASN A 80 -4.89 -0.13 8.63
C ASN A 80 -4.06 0.07 7.36
N SER A 81 -4.59 0.87 6.43
CA SER A 81 -3.91 1.17 5.18
C SER A 81 -4.59 2.37 4.53
N PHE A 82 -3.78 3.23 3.92
CA PHE A 82 -4.28 4.38 3.19
C PHE A 82 -3.60 4.45 1.82
N PHE A 83 -4.31 5.02 0.85
CA PHE A 83 -3.83 5.10 -0.52
C PHE A 83 -3.73 6.57 -0.94
N VAL A 84 -2.72 6.87 -1.75
CA VAL A 84 -2.51 8.20 -2.29
C VAL A 84 -2.40 8.06 -3.80
N MET A 85 -3.37 8.65 -4.52
CA MET A 85 -3.29 8.65 -5.97
C MET A 85 -2.10 9.49 -6.43
N THR A 86 -1.36 8.97 -7.41
CA THR A 86 -0.22 9.68 -7.97
C THR A 86 -0.31 9.90 -9.46
N ASN A 87 -1.19 9.19 -10.16
CA ASN A 87 -1.33 9.39 -11.60
C ASN A 87 -2.71 8.84 -11.99
N PHE A 88 -3.21 9.26 -13.15
CA PHE A 88 -4.51 8.76 -13.57
C PHE A 88 -4.71 8.97 -15.06
N ILE A 89 -5.46 8.04 -15.66
CA ILE A 89 -5.90 8.12 -17.04
C ILE A 89 -7.42 8.17 -17.01
N LYS A 90 -8.02 9.04 -17.82
CA LYS A 90 -9.46 9.28 -17.74
C LYS A 90 -10.10 9.16 -19.11
N THR A 91 -11.09 8.27 -19.20
CA THR A 91 -11.90 8.06 -20.40
C THR A 91 -13.31 8.53 -20.09
N GLU A 92 -13.79 9.53 -20.82
CA GLU A 92 -15.07 10.16 -20.50
C GLU A 92 -16.12 9.87 -21.58
N GLY A 93 -17.38 9.92 -21.15
CA GLY A 93 -18.50 9.82 -22.06
C GLY A 93 -18.92 8.41 -22.43
N GLN A 94 -18.39 7.40 -21.75
CA GLN A 94 -18.76 6.02 -22.05
C GLN A 94 -20.26 5.80 -21.84
N GLN A 95 -20.87 5.08 -22.77
CA GLN A 95 -22.27 4.71 -22.68
C GLN A 95 -22.46 3.30 -23.20
N GLN A 96 -23.51 2.63 -22.73
CA GLN A 96 -23.81 1.30 -23.22
C GLN A 96 -24.01 1.31 -24.72
N GLY A 97 -23.27 0.47 -25.42
CA GLY A 97 -23.43 0.41 -26.86
C GLY A 97 -22.51 -0.62 -27.49
N LEU A 98 -22.44 -0.54 -28.81
CA LEU A 98 -21.66 -1.44 -29.65
C LEU A 98 -20.54 -0.64 -30.30
N CYS A 99 -19.30 -1.02 -30.05
CA CYS A 99 -18.16 -0.29 -30.59
C CYS A 99 -17.05 -1.27 -30.90
N PRO A 100 -16.15 -0.92 -31.83
CA PRO A 100 -14.99 -1.77 -32.08
C PRO A 100 -14.01 -1.72 -30.92
N ASP A 101 -13.53 -2.90 -30.52
CA ASP A 101 -12.55 -2.97 -29.45
C ASP A 101 -11.30 -2.19 -29.85
N PHE A 102 -10.52 -1.79 -28.84
CA PHE A 102 -9.31 -1.06 -29.10
C PHE A 102 -8.30 -1.97 -29.81
N PRO A 103 -7.63 -1.48 -30.85
CA PRO A 103 -6.71 -2.34 -31.62
C PRO A 103 -5.54 -2.81 -30.78
N THR A 104 -5.47 -4.13 -30.58
CA THR A 104 -4.33 -4.77 -29.95
C THR A 104 -3.98 -6.00 -30.77
N ALA A 105 -2.93 -6.71 -30.33
CA ALA A 105 -2.57 -7.97 -30.96
C ALA A 105 -3.72 -8.97 -30.94
N ARG A 106 -4.60 -8.86 -29.95
CA ARG A 106 -5.66 -9.84 -29.75
C ARG A 106 -7.02 -9.40 -30.27
N THR A 107 -7.19 -8.13 -30.66
CA THR A 107 -8.49 -7.61 -31.04
C THR A 107 -8.64 -7.36 -32.52
N ILE A 108 -7.59 -7.55 -33.32
CA ILE A 108 -7.61 -7.15 -34.72
C ILE A 108 -8.04 -8.31 -35.61
N CYS A 109 -9.04 -8.03 -36.44
CA CYS A 109 -9.60 -8.98 -37.38
C CYS A 109 -9.34 -8.52 -38.81
N SER A 110 -8.95 -9.46 -39.68
CA SER A 110 -8.93 -9.17 -41.10
C SER A 110 -10.32 -9.27 -41.69
N SER A 111 -11.11 -10.22 -41.21
CA SER A 111 -12.44 -10.50 -41.76
C SER A 111 -13.40 -10.75 -40.61
N ASP A 112 -14.70 -10.81 -40.96
CA ASP A 112 -15.72 -11.12 -39.97
C ASP A 112 -15.49 -12.49 -39.32
N ARG A 113 -14.66 -13.35 -39.91
CA ARG A 113 -14.45 -14.69 -39.39
C ARG A 113 -13.53 -14.68 -38.18
N GLY A 114 -12.64 -13.70 -38.07
CA GLY A 114 -11.75 -13.64 -36.91
C GLY A 114 -12.48 -13.34 -35.62
N CYS A 115 -13.66 -12.73 -35.72
CA CYS A 115 -14.45 -12.39 -34.54
C CYS A 115 -15.50 -13.47 -34.29
N LYS A 116 -15.59 -13.92 -33.05
CA LYS A 116 -16.55 -14.94 -32.66
C LYS A 116 -17.65 -14.31 -31.83
N LYS A 117 -18.89 -14.52 -32.25
CA LYS A 117 -20.03 -13.86 -31.61
C LYS A 117 -20.21 -14.35 -30.18
N GLY A 118 -20.30 -13.41 -29.25
CA GLY A 118 -20.43 -13.72 -27.86
C GLY A 118 -19.14 -13.93 -27.11
N ARG A 119 -18.00 -13.84 -27.80
CA ARG A 119 -16.72 -14.14 -27.18
C ARG A 119 -16.32 -13.04 -26.20
N MET A 120 -15.74 -13.46 -25.07
CA MET A 120 -15.23 -12.55 -24.06
C MET A 120 -13.73 -12.80 -23.90
N ASP A 121 -12.94 -11.73 -23.98
CA ASP A 121 -11.51 -11.88 -23.80
C ASP A 121 -11.05 -11.18 -22.52
N PRO A 122 -10.07 -11.74 -21.81
CA PRO A 122 -9.60 -11.09 -20.58
C PRO A 122 -9.09 -9.68 -20.80
N GLN A 123 -8.40 -9.42 -21.91
CA GLN A 123 -7.96 -8.06 -22.20
C GLN A 123 -9.14 -7.16 -22.57
N SER A 124 -10.19 -7.73 -23.15
CA SER A 124 -11.34 -6.94 -23.60
C SER A 124 -12.25 -6.58 -22.43
N LYS A 125 -12.85 -5.40 -22.54
CA LYS A 125 -13.84 -4.94 -21.57
C LYS A 125 -15.26 -5.15 -22.06
N GLY A 126 -15.45 -5.93 -23.14
CA GLY A 126 -16.76 -6.12 -23.72
C GLY A 126 -16.93 -7.52 -24.27
N ILE A 127 -18.16 -7.80 -24.71
CA ILE A 127 -18.50 -9.07 -25.34
C ILE A 127 -18.61 -8.86 -26.85
N GLN A 128 -17.88 -9.67 -27.61
CA GLN A 128 -17.85 -9.52 -29.05
C GLN A 128 -19.22 -9.81 -29.65
N THR A 129 -19.55 -9.08 -30.72
CA THR A 129 -20.74 -9.38 -31.51
C THR A 129 -20.45 -10.32 -32.67
N GLY A 130 -19.19 -10.71 -32.85
CA GLY A 130 -18.81 -11.59 -33.94
C GLY A 130 -18.66 -10.94 -35.29
N ARG A 131 -18.59 -9.61 -35.35
CA ARG A 131 -18.52 -8.88 -36.60
C ARG A 131 -17.27 -8.02 -36.62
N CYS A 132 -16.51 -8.11 -37.70
CA CYS A 132 -15.31 -7.29 -37.88
C CYS A 132 -15.69 -5.89 -38.33
N VAL A 133 -15.11 -4.87 -37.69
CA VAL A 133 -15.40 -3.48 -38.03
C VAL A 133 -14.09 -2.71 -38.07
N VAL A 134 -14.15 -1.48 -38.57
CA VAL A 134 -12.99 -0.62 -38.67
C VAL A 134 -12.90 0.25 -37.43
N TYR A 135 -11.76 0.18 -36.74
CA TYR A 135 -11.55 1.07 -35.60
C TYR A 135 -11.12 2.45 -36.06
N LYS A 136 -10.18 2.50 -37.00
CA LYS A 136 -9.71 3.74 -37.59
C LYS A 136 -9.01 3.40 -38.91
N GLU A 137 -9.32 4.19 -39.94
CA GLU A 137 -8.68 4.07 -41.26
C GLU A 137 -9.03 2.68 -41.82
N ARG A 138 -8.05 1.89 -42.25
CA ARG A 138 -8.28 0.54 -42.71
C ARG A 138 -8.02 -0.50 -41.62
N LEU A 139 -7.66 -0.07 -40.42
CA LEU A 139 -7.41 -1.01 -39.34
C LEU A 139 -8.74 -1.50 -38.77
N LYS A 140 -8.87 -2.82 -38.64
CA LYS A 140 -10.10 -3.45 -38.24
C LYS A 140 -9.91 -4.20 -36.93
N THR A 141 -10.88 -4.03 -36.02
CA THR A 141 -10.94 -4.78 -34.78
C THR A 141 -12.29 -5.43 -34.65
N CYS A 142 -12.38 -6.33 -33.67
CA CYS A 142 -13.59 -7.08 -33.41
C CYS A 142 -14.59 -6.22 -32.64
N GLU A 143 -15.79 -6.09 -33.21
CA GLU A 143 -16.85 -5.31 -32.59
C GLU A 143 -17.28 -5.99 -31.30
N VAL A 144 -17.52 -5.17 -30.27
CA VAL A 144 -17.87 -5.66 -28.94
C VAL A 144 -18.99 -4.80 -28.39
N SER A 145 -19.70 -5.38 -27.42
CA SER A 145 -20.76 -4.70 -26.69
C SER A 145 -20.26 -4.34 -25.30
N ALA A 146 -20.19 -3.04 -25.01
CA ALA A 146 -19.66 -2.60 -23.73
C ALA A 146 -19.92 -1.12 -23.50
N TRP A 147 -19.19 -0.54 -22.55
CA TRP A 147 -19.15 0.91 -22.38
C TRP A 147 -18.28 1.50 -23.48
N CYS A 148 -18.87 2.34 -24.32
CA CYS A 148 -18.21 2.87 -25.51
C CYS A 148 -17.96 4.36 -25.39
N PRO A 149 -16.83 4.84 -25.94
CA PRO A 149 -15.79 3.99 -26.55
C PRO A 149 -14.93 3.29 -25.51
N ILE A 150 -14.27 2.21 -25.89
CA ILE A 150 -13.40 1.50 -24.95
C ILE A 150 -12.20 2.36 -24.62
N GLU A 151 -11.82 2.36 -23.33
CA GLU A 151 -10.60 3.01 -22.89
C GLU A 151 -9.42 2.56 -23.74
N GLU A 152 -8.55 3.49 -24.08
CA GLU A 152 -7.36 3.14 -24.83
C GLU A 152 -6.43 2.24 -24.02
N VAL A 153 -5.83 1.27 -24.71
CA VAL A 153 -4.69 0.56 -24.16
C VAL A 153 -3.49 1.48 -24.31
N LYS A 154 -3.32 2.36 -23.31
CA LYS A 154 -2.30 3.40 -23.33
C LYS A 154 -1.47 3.28 -22.06
N ASP A 155 -0.28 3.86 -22.08
CA ASP A 155 0.56 3.92 -20.90
C ASP A 155 0.19 5.12 -20.02
N ALA A 156 0.55 5.02 -18.75
CA ALA A 156 0.36 6.13 -17.83
C ALA A 156 1.16 7.33 -18.30
N PRO A 157 0.75 8.54 -17.90
CA PRO A 157 1.53 9.73 -18.23
C PRO A 157 3.00 9.58 -17.84
N ARG A 158 3.88 10.03 -18.73
CA ARG A 158 5.31 9.79 -18.54
C ARG A 158 5.85 10.46 -17.28
N PRO A 159 5.58 11.73 -16.99
CA PRO A 159 5.74 12.20 -15.61
C PRO A 159 4.44 12.04 -14.85
N ALA A 160 4.48 11.43 -13.67
CA ALA A 160 3.27 11.27 -12.87
C ALA A 160 2.63 12.63 -12.64
N LEU A 161 1.35 12.76 -13.00
CA LEU A 161 0.67 14.04 -12.84
C LEU A 161 0.77 14.55 -11.41
N LEU A 162 0.54 13.68 -10.44
CA LEU A 162 0.70 14.03 -9.03
C LEU A 162 2.09 13.63 -8.53
N ASN A 163 3.12 14.02 -9.30
CA ASN A 163 4.50 13.72 -8.92
C ASN A 163 4.93 14.43 -7.64
N SER A 164 4.18 15.43 -7.20
CA SER A 164 4.51 16.17 -5.98
C SER A 164 4.27 15.36 -4.71
N ALA A 165 3.75 14.15 -4.84
CA ALA A 165 3.33 13.38 -3.68
C ALA A 165 4.50 12.99 -2.77
N GLU A 166 5.75 13.09 -3.25
CA GLU A 166 6.87 12.91 -2.33
C GLU A 166 6.78 13.90 -1.18
N ASN A 167 6.49 15.17 -1.50
CA ASN A 167 6.44 16.25 -0.54
C ASN A 167 5.22 16.17 0.38
N PHE A 168 4.36 15.17 0.19
CA PHE A 168 3.20 15.00 1.05
C PHE A 168 3.60 14.43 2.39
N THR A 169 2.75 14.65 3.39
CA THR A 169 3.09 14.34 4.78
C THR A 169 1.99 13.49 5.39
N VAL A 170 2.36 12.33 5.93
CA VAL A 170 1.42 11.45 6.61
C VAL A 170 1.72 11.49 8.11
N LEU A 171 0.69 11.82 8.89
CA LEU A 171 0.75 11.77 10.35
C LEU A 171 0.07 10.49 10.82
N ILE A 172 0.76 9.73 11.64
CA ILE A 172 0.27 8.44 12.13
C ILE A 172 0.08 8.51 13.63
N LYS A 173 -1.11 8.13 14.08
CA LYS A 173 -1.43 7.95 15.49
C LYS A 173 -1.75 6.49 15.70
N ASN A 174 -0.95 5.82 16.53
CA ASN A 174 -1.09 4.39 16.79
C ASN A 174 -1.35 4.16 18.26
N ASN A 175 -2.39 3.39 18.57
CA ASN A 175 -2.74 3.04 19.93
C ASN A 175 -2.60 1.54 20.10
N ILE A 176 -1.85 1.12 21.11
CA ILE A 176 -1.61 -0.30 21.32
C ILE A 176 -2.02 -0.67 22.73
N ASP A 177 -2.67 -1.82 22.86
CA ASP A 177 -3.15 -2.29 24.15
C ASP A 177 -2.70 -3.73 24.35
N PHE A 178 -2.34 -4.03 25.60
CA PHE A 178 -2.07 -5.38 26.08
C PHE A 178 -3.15 -5.74 27.08
N PRO A 179 -4.18 -6.52 26.67
CA PRO A 179 -5.26 -6.86 27.60
C PRO A 179 -4.82 -7.67 28.82
N GLY A 180 -4.11 -8.78 28.60
CA GLY A 180 -3.76 -9.64 29.72
C GLY A 180 -2.90 -8.97 30.76
N HIS A 181 -2.03 -8.05 30.34
CA HIS A 181 -1.28 -7.23 31.27
C HIS A 181 -1.99 -5.93 31.62
N ASN A 182 -3.08 -5.61 30.95
CA ASN A 182 -3.86 -4.39 31.22
C ASN A 182 -2.96 -3.15 31.09
N TYR A 183 -2.26 -3.04 29.97
CA TYR A 183 -1.40 -1.88 29.73
C TYR A 183 -1.73 -1.27 28.38
N THR A 184 -2.14 -0.01 28.38
CA THR A 184 -2.52 0.69 27.17
C THR A 184 -1.61 1.89 26.98
N THR A 185 -1.03 2.02 25.79
CA THR A 185 -0.20 3.17 25.47
C THR A 185 -0.45 3.58 24.02
N ARG A 186 0.08 4.73 23.64
CA ARG A 186 -0.13 5.28 22.32
C ARG A 186 1.19 5.68 21.69
N ASN A 187 1.17 5.82 20.36
CA ASN A 187 2.37 6.18 19.62
C ASN A 187 2.89 7.55 20.03
N ILE A 188 1.99 8.50 20.22
CA ILE A 188 2.34 9.90 20.45
C ILE A 188 2.10 10.20 21.93
N LEU A 189 3.18 10.57 22.63
CA LEU A 189 3.13 10.92 24.04
C LEU A 189 2.82 12.40 24.21
N PRO A 190 2.34 12.81 25.39
CA PRO A 190 1.99 14.23 25.57
C PRO A 190 3.23 15.11 25.68
N GLY A 191 3.15 16.30 25.10
CA GLY A 191 4.20 17.29 25.18
C GLY A 191 5.29 17.17 24.12
N VAL A 192 5.27 16.12 23.31
CA VAL A 192 6.29 15.98 22.28
C VAL A 192 6.15 17.10 21.25
N ASN A 193 7.29 17.58 20.74
CA ASN A 193 7.30 18.62 19.72
C ASN A 193 6.74 18.03 18.43
N ILE A 194 5.52 18.40 18.07
CA ILE A 194 4.87 17.86 16.88
C ILE A 194 5.48 18.41 15.60
N THR A 195 6.18 19.54 15.67
CA THR A 195 6.78 20.16 14.49
C THR A 195 8.12 19.48 14.22
N CYS A 196 8.07 18.36 13.51
CA CYS A 196 9.27 17.62 13.14
C CYS A 196 8.93 16.74 11.93
N THR A 197 9.96 16.37 11.20
CA THR A 197 9.87 15.32 10.19
C THR A 197 10.70 14.15 10.68
N PHE A 198 10.11 12.95 10.66
CA PHE A 198 10.84 11.77 11.12
C PHE A 198 12.14 11.61 10.34
N HIS A 199 13.20 11.29 11.06
CA HIS A 199 14.49 11.00 10.49
C HIS A 199 15.01 9.72 11.15
N LYS A 200 15.76 8.93 10.38
CA LYS A 200 16.27 7.67 10.90
C LYS A 200 17.04 7.89 12.20
N THR A 201 17.70 9.03 12.33
CA THR A 201 18.50 9.36 13.49
C THR A 201 17.98 10.59 14.22
N GLN A 202 17.60 11.62 13.48
CA GLN A 202 17.40 12.92 14.12
C GLN A 202 16.08 12.96 14.89
N ASN A 203 15.06 12.27 14.38
CA ASN A 203 13.71 12.26 14.96
C ASN A 203 13.07 10.89 14.71
N PRO A 204 13.64 9.84 15.30
CA PRO A 204 13.07 8.50 15.11
C PRO A 204 11.72 8.31 15.77
N GLN A 205 11.36 9.14 16.75
CA GLN A 205 10.06 9.04 17.40
C GLN A 205 8.98 9.88 16.73
N CYS A 206 9.37 10.88 15.94
CA CYS A 206 8.44 11.79 15.31
C CYS A 206 7.50 11.03 14.38
N PRO A 207 6.18 11.13 14.58
CA PRO A 207 5.24 10.38 13.73
C PRO A 207 5.02 10.99 12.37
N ILE A 208 5.32 12.27 12.20
CA ILE A 208 5.23 12.92 10.89
C ILE A 208 6.21 12.27 9.92
N PHE A 209 5.69 11.84 8.78
CA PHE A 209 6.47 11.13 7.77
C PHE A 209 6.33 11.83 6.42
N ARG A 210 7.42 11.87 5.67
CA ARG A 210 7.38 12.36 4.29
C ARG A 210 7.49 11.15 3.36
N LEU A 211 6.60 11.09 2.36
CA LEU A 211 6.51 9.91 1.50
C LEU A 211 7.82 9.68 0.75
N GLY A 212 8.38 10.74 0.17
CA GLY A 212 9.65 10.60 -0.53
C GLY A 212 10.75 10.08 0.38
N ASP A 213 10.81 10.59 1.63
CA ASP A 213 11.74 10.04 2.61
C ASP A 213 11.54 8.54 2.77
N ILE A 214 10.28 8.11 2.85
CA ILE A 214 9.98 6.69 3.02
C ILE A 214 10.55 5.89 1.85
N PHE A 215 10.37 6.39 0.62
CA PHE A 215 10.88 5.66 -0.54
C PHE A 215 12.40 5.63 -0.56
N GLN A 216 13.06 6.72 -0.17
CA GLN A 216 14.52 6.71 -0.13
C GLN A 216 15.04 5.75 0.92
N GLU A 217 14.37 5.66 2.07
CA GLU A 217 14.80 4.74 3.13
C GLU A 217 14.83 3.30 2.64
N THR A 218 13.80 2.87 1.92
CA THR A 218 13.78 1.54 1.35
C THR A 218 14.52 1.45 0.01
N GLY A 219 15.12 2.55 -0.43
CA GLY A 219 15.97 2.51 -1.61
C GLY A 219 15.21 2.45 -2.92
N ASP A 220 14.07 3.13 -3.02
CA ASP A 220 13.30 3.19 -4.26
C ASP A 220 13.02 4.64 -4.59
N SER A 221 13.01 4.96 -5.89
CA SER A 221 12.68 6.30 -6.34
C SER A 221 11.17 6.50 -6.29
N PHE A 222 10.73 7.58 -5.65
CA PHE A 222 9.30 7.82 -5.53
C PHE A 222 8.65 8.04 -6.89
N SER A 223 9.30 8.81 -7.76
CA SER A 223 8.70 9.17 -9.05
C SER A 223 8.38 7.92 -9.87
N ASP A 224 9.35 7.03 -10.01
CA ASP A 224 9.17 5.82 -10.82
C ASP A 224 7.96 5.03 -10.35
N VAL A 225 7.88 4.73 -9.06
CA VAL A 225 6.73 4.01 -8.52
C VAL A 225 5.46 4.81 -8.74
N ALA A 226 5.55 6.14 -8.64
CA ALA A 226 4.37 6.99 -8.76
C ALA A 226 3.78 6.95 -10.17
N ILE A 227 4.59 6.62 -11.18
CA ILE A 227 4.06 6.58 -12.54
C ILE A 227 3.06 5.45 -12.71
N GLN A 228 3.37 4.25 -12.21
CA GLN A 228 2.53 3.08 -12.40
C GLN A 228 1.89 2.57 -11.11
N GLY A 229 2.27 3.09 -9.96
CA GLY A 229 1.68 2.70 -8.70
C GLY A 229 2.53 1.67 -7.96
N GLY A 230 2.28 1.55 -6.65
CA GLY A 230 3.01 0.60 -5.84
C GLY A 230 2.35 0.45 -4.49
N ILE A 231 2.90 -0.46 -3.69
CA ILE A 231 2.42 -0.73 -2.34
C ILE A 231 3.60 -0.60 -1.39
N MET A 232 3.67 0.52 -0.66
CA MET A 232 4.69 0.71 0.34
C MET A 232 4.21 0.20 1.70
N GLY A 233 5.17 -0.05 2.59
CA GLY A 233 4.84 -0.62 3.88
C GLY A 233 5.62 0.00 5.03
N ILE A 234 4.88 0.43 6.05
CA ILE A 234 5.43 1.10 7.22
C ILE A 234 5.29 0.13 8.40
N GLU A 235 6.43 -0.29 8.94
CA GLU A 235 6.47 -1.24 10.05
C GLU A 235 6.73 -0.51 11.35
N ILE A 236 5.93 -0.80 12.37
CA ILE A 236 6.04 -0.20 13.69
C ILE A 236 6.31 -1.34 14.68
N TYR A 237 7.51 -1.37 15.24
CA TYR A 237 7.90 -2.45 16.16
C TYR A 237 7.81 -1.97 17.60
N TRP A 238 7.26 -2.82 18.45
CA TRP A 238 7.15 -2.53 19.87
C TRP A 238 7.83 -3.66 20.65
N ASP A 239 9.01 -3.37 21.20
CA ASP A 239 9.67 -4.27 22.15
C ASP A 239 9.36 -3.69 23.53
N CYS A 240 8.22 -4.08 24.08
CA CYS A 240 7.71 -3.47 25.31
C CYS A 240 7.96 -4.40 26.49
N ASN A 241 8.65 -3.87 27.51
CA ASN A 241 9.00 -4.61 28.72
C ASN A 241 8.16 -4.04 29.87
N LEU A 242 7.25 -4.86 30.40
CA LEU A 242 6.27 -4.40 31.38
C LEU A 242 6.73 -4.59 32.83
N ASP A 243 8.02 -4.85 33.06
CA ASP A 243 8.54 -4.89 34.42
C ASP A 243 8.98 -3.51 34.85
N GLY A 244 8.84 -3.26 36.16
CA GLY A 244 9.24 -1.97 36.69
C GLY A 244 10.74 -1.80 36.82
N TRP A 245 11.48 -2.91 36.90
CA TRP A 245 12.93 -2.87 37.01
C TRP A 245 13.53 -2.21 35.78
N PHE A 246 13.50 -2.91 34.65
CA PHE A 246 13.94 -2.36 33.36
C PHE A 246 12.69 -2.23 32.48
N HIS A 247 12.15 -1.02 32.41
CA HIS A 247 10.91 -0.75 31.69
C HIS A 247 11.21 0.02 30.40
N HIS A 248 10.48 -0.31 29.35
CA HIS A 248 10.62 0.33 28.04
C HIS A 248 9.46 -0.09 27.17
N CYS A 249 8.91 0.86 26.41
CA CYS A 249 7.78 0.58 25.53
C CYS A 249 7.58 1.72 24.53
N ARG A 250 8.44 1.79 23.51
CA ARG A 250 8.35 2.80 22.48
C ARG A 250 8.46 2.16 21.11
N PRO A 251 7.94 2.79 20.06
CA PRO A 251 7.94 2.17 18.73
C PRO A 251 9.22 2.44 17.96
N LYS A 252 9.51 1.51 17.05
CA LYS A 252 10.66 1.57 16.16
C LYS A 252 10.13 1.48 14.74
N TYR A 253 10.25 2.58 13.99
CA TYR A 253 9.71 2.65 12.64
C TYR A 253 10.73 2.15 11.63
N SER A 254 10.26 1.35 10.68
CA SER A 254 11.07 0.87 9.57
C SER A 254 10.20 0.84 8.32
N PHE A 255 10.85 0.76 7.17
CA PHE A 255 10.16 0.86 5.89
C PHE A 255 10.56 -0.27 4.98
N ARG A 256 9.56 -0.94 4.40
CA ARG A 256 9.78 -2.06 3.49
C ARG A 256 8.84 -1.92 2.30
N ARG A 257 9.31 -2.29 1.12
CA ARG A 257 8.49 -2.22 -0.08
C ARG A 257 7.79 -3.55 -0.29
N LEU A 258 6.49 -3.57 -0.08
CA LEU A 258 5.67 -4.78 -0.22
C LEU A 258 5.34 -5.07 -1.68
N ASP A 259 5.34 -4.05 -2.52
CA ASP A 259 5.09 -4.20 -3.95
C ASP A 259 5.95 -5.31 -4.54
N ASP A 260 5.37 -6.09 -5.43
CA ASP A 260 6.07 -7.24 -5.98
C ASP A 260 7.09 -6.85 -7.04
N LYS A 261 6.87 -5.71 -7.71
CA LYS A 261 7.82 -5.18 -8.69
C LYS A 261 8.09 -6.19 -9.81
N THR A 262 7.06 -6.95 -10.18
CA THR A 262 7.24 -8.03 -11.15
C THR A 262 7.66 -7.50 -12.51
N THR A 263 7.01 -6.41 -12.96
CA THR A 263 7.27 -5.83 -14.29
C THR A 263 6.97 -6.82 -15.40
N SER A 264 5.82 -7.47 -15.31
CA SER A 264 5.34 -8.40 -16.33
C SER A 264 3.87 -8.13 -16.58
N GLU A 265 3.50 -7.98 -17.85
CA GLU A 265 2.13 -7.63 -18.20
C GLU A 265 1.11 -8.62 -17.63
N SER A 266 1.51 -9.89 -17.45
CA SER A 266 0.58 -10.88 -16.96
C SER A 266 0.27 -10.68 -15.48
N LEU A 267 1.26 -10.27 -14.69
CA LEU A 267 1.11 -10.15 -13.25
C LEU A 267 0.40 -8.87 -12.83
N TYR A 268 -0.09 -8.07 -13.77
CA TYR A 268 -0.78 -6.83 -13.48
C TYR A 268 0.03 -5.96 -12.51
N PRO A 269 1.19 -5.47 -12.93
CA PRO A 269 2.13 -4.84 -12.00
C PRO A 269 1.70 -3.44 -11.59
N GLY A 270 2.28 -2.99 -10.49
CA GLY A 270 1.92 -1.70 -9.93
C GLY A 270 0.60 -1.78 -9.19
N TYR A 271 0.14 -0.62 -8.71
CA TYR A 271 -1.16 -0.50 -8.07
C TYR A 271 -2.02 0.45 -8.89
N ASN A 272 -3.14 -0.08 -9.42
CA ASN A 272 -4.08 0.71 -10.19
C ASN A 272 -5.45 0.07 -10.08
N PHE A 273 -6.49 0.88 -10.30
CA PHE A 273 -7.85 0.37 -10.28
C PHE A 273 -8.74 1.26 -11.12
N ARG A 274 -9.89 0.73 -11.51
CA ARG A 274 -10.82 1.42 -12.39
C ARG A 274 -12.09 1.76 -11.61
N TYR A 275 -12.46 3.05 -11.61
CA TYR A 275 -13.70 3.45 -10.97
C TYR A 275 -14.40 4.49 -11.84
N ALA A 276 -15.73 4.51 -11.79
CA ALA A 276 -16.53 5.27 -12.74
C ALA A 276 -17.50 6.20 -12.02
N LYS A 277 -17.82 7.30 -12.70
CA LYS A 277 -18.81 8.27 -12.23
C LYS A 277 -19.93 8.34 -13.27
N TYR A 278 -21.16 8.11 -12.82
CA TYR A 278 -22.30 7.95 -13.71
C TYR A 278 -23.10 9.25 -13.77
N TYR A 279 -23.48 9.66 -14.97
CA TYR A 279 -24.26 10.87 -15.17
C TYR A 279 -25.18 10.66 -16.36
N LYS A 280 -26.18 11.54 -16.50
CA LYS A 280 -27.12 11.47 -17.61
C LYS A 280 -27.02 12.74 -18.45
N GLU A 281 -27.10 12.58 -19.76
CA GLU A 281 -27.01 13.70 -20.70
C GLU A 281 -27.92 13.44 -21.87
N ASN A 282 -28.77 14.42 -22.20
CA ASN A 282 -29.74 14.32 -23.29
C ASN A 282 -30.56 13.03 -23.19
N ASN A 283 -30.98 12.72 -21.96
CA ASN A 283 -31.78 11.53 -21.66
C ASN A 283 -31.04 10.26 -22.06
N VAL A 284 -29.73 10.23 -21.81
CA VAL A 284 -28.89 9.07 -22.08
C VAL A 284 -28.00 8.82 -20.88
N GLU A 285 -27.97 7.57 -20.41
CA GLU A 285 -27.06 7.21 -19.33
C GLU A 285 -25.64 7.13 -19.86
N LYS A 286 -24.73 7.80 -19.16
CA LYS A 286 -23.33 7.90 -19.54
C LYS A 286 -22.47 7.70 -18.30
N ARG A 287 -21.19 7.47 -18.53
CA ARG A 287 -20.28 7.11 -17.46
C ARG A 287 -18.87 7.57 -17.81
N THR A 288 -18.16 8.07 -16.80
CA THR A 288 -16.76 8.47 -16.94
C THR A 288 -15.92 7.43 -16.19
N LEU A 289 -15.15 6.66 -16.95
CA LEU A 289 -14.21 5.69 -16.40
C LEU A 289 -12.89 6.37 -16.07
N ILE A 290 -12.33 6.06 -14.90
CA ILE A 290 -11.08 6.63 -14.43
C ILE A 290 -10.18 5.51 -13.95
N LYS A 291 -9.08 5.30 -14.67
CA LYS A 291 -7.97 4.48 -14.20
C LYS A 291 -7.13 5.29 -13.23
N VAL A 292 -6.93 4.74 -12.04
CA VAL A 292 -6.24 5.41 -10.94
C VAL A 292 -4.97 4.64 -10.62
N PHE A 293 -3.85 5.35 -10.61
CA PHE A 293 -2.54 4.84 -10.22
C PHE A 293 -2.09 5.61 -8.99
N GLY A 294 -1.44 4.90 -8.07
CA GLY A 294 -0.92 5.56 -6.88
C GLY A 294 -0.27 4.54 -5.97
N ILE A 295 0.29 5.05 -4.87
CA ILE A 295 1.00 4.21 -3.91
C ILE A 295 0.06 3.98 -2.72
N ARG A 296 -0.27 2.72 -2.47
CA ARG A 296 -0.95 2.31 -1.26
C ARG A 296 0.06 2.07 -0.16
N PHE A 297 -0.15 2.71 0.99
CA PHE A 297 0.72 2.53 2.15
C PHE A 297 0.02 1.65 3.18
N ASP A 298 0.62 0.50 3.45
CA ASP A 298 0.09 -0.48 4.39
C ASP A 298 0.86 -0.35 5.70
N ILE A 299 0.13 -0.05 6.78
CA ILE A 299 0.75 0.12 8.10
C ILE A 299 0.69 -1.22 8.84
N LEU A 300 1.86 -1.73 9.22
CA LEU A 300 2.00 -3.01 9.92
C LEU A 300 2.56 -2.74 11.30
N VAL A 301 1.76 -2.98 12.33
CA VAL A 301 2.17 -2.76 13.72
C VAL A 301 2.20 -4.12 14.40
N PHE A 302 3.36 -4.49 14.93
CA PHE A 302 3.54 -5.72 15.67
C PHE A 302 4.24 -5.41 16.98
N GLY A 303 3.97 -6.24 17.99
CA GLY A 303 4.59 -5.96 19.28
C GLY A 303 4.47 -7.14 20.21
N THR A 304 5.21 -7.04 21.31
CA THR A 304 5.28 -8.07 22.33
C THR A 304 5.43 -7.41 23.69
N GLY A 305 4.55 -7.75 24.63
CA GLY A 305 4.65 -7.16 25.96
C GLY A 305 5.07 -8.16 27.01
N GLY A 306 6.12 -7.87 27.76
CA GLY A 306 6.66 -8.84 28.69
C GLY A 306 6.65 -8.37 30.13
N LYS A 307 5.98 -9.13 30.99
CA LYS A 307 5.91 -8.86 32.42
C LYS A 307 6.21 -10.14 33.17
N PHE A 308 6.99 -10.01 34.23
CA PHE A 308 7.52 -11.17 34.95
C PHE A 308 6.42 -12.11 35.42
N ASN A 309 6.65 -13.40 35.21
CA ASN A 309 5.70 -14.46 35.57
C ASN A 309 6.43 -15.51 36.38
N VAL A 310 5.83 -15.91 37.51
CA VAL A 310 6.48 -16.87 38.39
C VAL A 310 6.42 -18.28 37.82
N ILE A 311 5.30 -18.65 37.22
CA ILE A 311 5.14 -20.02 36.70
C ILE A 311 6.14 -20.29 35.58
N GLN A 312 6.29 -19.32 34.66
CA GLN A 312 7.29 -19.47 33.60
C GLN A 312 8.69 -19.60 34.18
N LEU A 313 9.01 -18.77 35.18
CA LEU A 313 10.31 -18.84 35.82
C LEU A 313 10.50 -20.20 36.51
N ALA A 314 9.41 -20.75 37.04
CA ALA A 314 9.52 -22.05 37.71
C ALA A 314 9.70 -23.17 36.70
N VAL A 315 9.12 -23.04 35.51
CA VAL A 315 9.30 -24.07 34.49
C VAL A 315 10.73 -24.03 33.94
N TYR A 316 11.25 -22.83 33.67
CA TYR A 316 12.64 -22.73 33.26
C TYR A 316 13.57 -23.25 34.34
N ILE A 317 13.30 -22.89 35.60
CA ILE A 317 14.00 -23.49 36.73
C ILE A 317 13.96 -25.01 36.63
N GLY A 318 12.80 -25.55 36.25
CA GLY A 318 12.65 -27.00 36.17
C GLY A 318 13.54 -27.63 35.11
N SER A 319 13.69 -26.97 33.96
CA SER A 319 14.66 -27.45 32.97
C SER A 319 16.08 -27.32 33.51
N VAL A 320 16.33 -26.25 34.26
CA VAL A 320 17.69 -25.88 34.64
C VAL A 320 18.25 -26.81 35.70
N ILE A 321 17.40 -27.30 36.61
CA ILE A 321 17.88 -28.16 37.68
C ILE A 321 18.49 -29.44 37.11
N SER A 322 17.76 -30.10 36.20
CA SER A 322 18.28 -31.26 35.50
C SER A 322 19.50 -30.91 34.68
N TYR A 323 19.44 -29.81 33.92
CA TYR A 323 20.62 -29.38 33.17
C TYR A 323 21.83 -29.32 34.09
N PHE A 324 21.61 -28.98 35.36
CA PHE A 324 22.71 -28.84 36.31
C PHE A 324 23.23 -30.19 36.77
N GLY A 325 22.33 -31.09 37.16
CA GLY A 325 22.77 -32.45 37.49
C GLY A 325 23.58 -33.06 36.37
N LEU A 326 23.12 -32.90 35.13
CA LEU A 326 23.84 -33.45 33.99
C LEU A 326 25.20 -32.77 33.81
N ALA A 327 25.26 -31.45 34.00
CA ALA A 327 26.55 -30.77 33.93
C ALA A 327 27.51 -31.28 35.00
N THR A 328 26.99 -31.61 36.19
CA THR A 328 27.83 -32.18 37.24
C THR A 328 28.33 -33.57 36.86
N VAL A 329 27.51 -34.34 36.15
CA VAL A 329 27.93 -35.68 35.73
C VAL A 329 29.14 -35.59 34.80
N PHE A 330 29.08 -34.70 33.81
CA PHE A 330 30.16 -34.48 32.85
C PHE A 330 30.59 -35.77 32.17
C1 NAG B . 9.20 19.16 -3.37
C2 NAG B . 9.15 19.41 -4.88
C3 NAG B . 10.52 19.90 -5.37
C4 NAG B . 10.97 21.11 -4.58
C5 NAG B . 10.96 20.77 -3.09
C6 NAG B . 11.30 21.97 -2.22
C7 NAG B . 8.07 18.24 -6.75
C8 NAG B . 7.75 16.91 -7.35
N2 NAG B . 8.75 18.21 -5.60
O3 NAG B . 10.44 20.22 -6.76
O4 NAG B . 12.28 21.50 -4.97
O5 NAG B . 9.65 20.34 -2.70
O6 NAG B . 10.23 22.90 -2.22
O7 NAG B . 7.73 19.30 -7.27
C1 NAG C . 9.83 22.43 18.01
C2 NAG C . 9.70 23.74 18.80
C3 NAG C . 9.82 24.93 17.85
C4 NAG C . 11.11 24.85 17.06
C5 NAG C . 11.20 23.49 16.35
C6 NAG C . 12.52 23.28 15.64
C7 NAG C . 8.38 23.70 20.86
C8 NAG C . 7.01 23.77 21.47
N2 NAG C . 8.44 23.79 19.53
O3 NAG C . 9.78 26.14 18.61
O4 NAG C . 11.16 25.88 16.08
O5 NAG C . 11.07 22.42 17.30
O6 NAG C . 12.84 21.90 15.53
O7 NAG C . 9.38 23.56 21.56
C1 NAG D . -6.19 -1.84 34.78
C2 NAG D . -7.46 -2.29 35.49
C3 NAG D . -8.20 -1.08 36.06
C4 NAG D . -7.29 -0.26 36.95
C5 NAG D . -6.01 0.11 36.20
C6 NAG D . -5.00 0.82 37.05
C7 NAG D . -9.09 -4.04 34.98
C8 NAG D . -9.91 -4.70 33.91
N2 NAG D . -8.32 -3.03 34.58
O3 NAG D . -9.33 -1.52 36.80
O4 NAG D . -7.94 0.92 37.39
O5 NAG D . -5.38 -1.07 35.68
O6 NAG D . -5.55 1.97 37.67
O7 NAG D . -9.13 -4.41 36.15
C10 7RS E . -26.87 1.60 -15.84
N12 7RS E . -27.03 1.22 -18.22
C13 7RS E . -27.05 -0.11 -18.00
C20 7RS E . -20.94 0.21 -7.48
C21 7RS E . -19.63 -0.49 -7.38
C22 7RS E . -19.48 -1.50 -6.45
C24 7RS E . -21.83 -1.18 -5.72
C01 7RS E . -25.27 -0.63 -9.47
C02 7RS E . -25.38 -0.51 -10.96
C03 7RS E . -24.23 -0.30 -11.78
C04 7RS E . -24.37 -0.20 -13.15
C05 7RS E . -25.66 -0.29 -13.75
C06 7RS E . -26.79 -0.50 -12.95
C07 7RS E . -26.65 -0.61 -11.55
C08 7RS E . -25.83 -0.17 -15.33
N09 7RS E . -26.95 0.29 -15.60
C11 7RS E . -26.35 1.92 -17.25
C14 7RS E . -27.56 -0.45 -16.62
N15 7RS E . -22.88 -0.20 -11.20
C16 7RS E . -22.49 0.92 -10.46
O17 7RS E . -23.31 1.89 -10.27
C18 7RS E . -21.04 0.99 -9.87
N19 7RS E . -21.13 1.28 -8.43
C23 7RS E . -20.57 -1.87 -5.61
C25 7RS E . -21.99 -0.15 -6.66
F26 7RS E . -20.42 -2.83 -4.74
F27 7RS E . -18.30 -2.16 -6.33
#